data_2MTW
# 
_entry.id   2MTW 
# 
_audit_conform.dict_name       mmcif_pdbx.dic 
_audit_conform.dict_version    5.392 
_audit_conform.dict_location   http://mmcif.pdb.org/dictionaries/ascii/mmcif_pdbx.dic 
# 
loop_
_database_2.database_id 
_database_2.database_code 
_database_2.pdbx_database_accession 
_database_2.pdbx_DOI 
PDB   2MTW         pdb_00002mtw 10.2210/pdb2mtw/pdb 
RCSB  RCSB104039   ?            ?                   
BMRB  25189        ?            10.13018/BMR25189   
WWPDB D_1000104039 ?            ?                   
# 
loop_
_pdbx_audit_revision_history.ordinal 
_pdbx_audit_revision_history.data_content_type 
_pdbx_audit_revision_history.major_revision 
_pdbx_audit_revision_history.minor_revision 
_pdbx_audit_revision_history.revision_date 
1 'Structure model' 1 0 2015-02-04 
2 'Structure model' 1 1 2015-02-11 
3 'Structure model' 1 2 2023-06-14 
4 'Structure model' 1 3 2024-05-15 
# 
_pdbx_audit_revision_details.ordinal             1 
_pdbx_audit_revision_details.revision_ordinal    1 
_pdbx_audit_revision_details.data_content_type   'Structure model' 
_pdbx_audit_revision_details.provider            repository 
_pdbx_audit_revision_details.type                'Initial release' 
_pdbx_audit_revision_details.description         ? 
_pdbx_audit_revision_details.details             ? 
# 
loop_
_pdbx_audit_revision_group.ordinal 
_pdbx_audit_revision_group.revision_ordinal 
_pdbx_audit_revision_group.data_content_type 
_pdbx_audit_revision_group.group 
1 2 'Structure model' 'Structure summary'   
2 3 'Structure model' 'Data collection'     
3 3 'Structure model' 'Database references' 
4 3 'Structure model' Other                 
5 4 'Structure model' 'Data collection'     
6 4 'Structure model' 'Database references' 
# 
loop_
_pdbx_audit_revision_category.ordinal 
_pdbx_audit_revision_category.revision_ordinal 
_pdbx_audit_revision_category.data_content_type 
_pdbx_audit_revision_category.category 
1 3 'Structure model' database_2           
2 3 'Structure model' pdbx_database_status 
3 3 'Structure model' pdbx_nmr_software    
4 3 'Structure model' struct_ref_seq_dif   
5 4 'Structure model' chem_comp_atom       
6 4 'Structure model' chem_comp_bond       
7 4 'Structure model' database_2           
# 
loop_
_pdbx_audit_revision_item.ordinal 
_pdbx_audit_revision_item.revision_ordinal 
_pdbx_audit_revision_item.data_content_type 
_pdbx_audit_revision_item.item 
1 3 'Structure model' '_database_2.pdbx_DOI'                       
2 3 'Structure model' '_database_2.pdbx_database_accession'        
3 3 'Structure model' '_pdbx_database_status.status_code_nmr_data' 
4 3 'Structure model' '_pdbx_nmr_software.name'                    
5 3 'Structure model' '_struct_ref_seq_dif.details'                
6 4 'Structure model' '_database_2.pdbx_DOI'                       
# 
_pdbx_database_status.deposit_site                    BMRB 
_pdbx_database_status.entry_id                        2MTW 
_pdbx_database_status.methods_development_category    ? 
_pdbx_database_status.process_site                    RCSB 
_pdbx_database_status.recvd_initial_deposition_date   2014-09-01 
_pdbx_database_status.SG_entry                        ? 
_pdbx_database_status.status_code                     REL 
_pdbx_database_status.status_code_mr                  REL 
_pdbx_database_status.status_code_sf                  ? 
_pdbx_database_status.status_code_cs                  REL 
_pdbx_database_status.pdb_format_compatible           Y 
_pdbx_database_status.status_code_nmr_data            REL 
# 
_pdbx_database_related.db_id          25189 
_pdbx_database_related.db_name        BMRB 
_pdbx_database_related.content_type   unspecified 
_pdbx_database_related.details        . 
# 
loop_
_audit_author.name 
_audit_author.pdbx_ordinal 
'Cifuentes, G.'   1 
'Salazar, L.'     2 
'Vargas, L.'      3 
'Parra, C.'       4 
'Vanegas, M.'     5 
'Cortes, J.'      6 
'Sandoval, M.'    7 
'Patarroyo, M.E.' 8 
# 
_citation.id                        primary 
_citation.title                     
;Evidence supporting the hypothesis that specifically modifying a malaria peptide to fit HLA-DR  1*03 molecules induces antibody production and protection
;
_citation.journal_abbrev            'To be Published' 
_citation.journal_volume            ? 
_citation.page_first                ? 
_citation.page_last                 ? 
_citation.year                      ? 
_citation.journal_id_ASTM           ? 
_citation.country                   ? 
_citation.journal_id_ISSN           ? 
_citation.journal_id_CSD            0353 
_citation.book_publisher            ? 
_citation.pdbx_database_id_PubMed   ? 
_citation.pdbx_database_id_DOI      ? 
# 
loop_
_citation_author.citation_id 
_citation_author.name 
_citation_author.ordinal 
_citation_author.identifier_ORCID 
primary 'Cifuentes, G.'   1 ? 
primary 'Salazar, L.'     2 ? 
primary 'Vargas, L.'      3 ? 
primary 'Parra, C.'       4 ? 
primary 'Vanegas, M.'     5 ? 
primary 'Cortes, J.'      6 ? 
primary 'Sandoval, M.'    7 ? 
primary 'Patarroyo, M.E.' 8 ? 
# 
_entity.id                         1 
_entity.type                       polymer 
_entity.src_method                 syn 
_entity.pdbx_description           'Erythrocyte-binding antigen 175' 
_entity.formula_weight             2446.633 
_entity.pdbx_number_of_molecules   1 
_entity.pdbx_ec                    ? 
_entity.pdbx_mutation              ? 
_entity.pdbx_fragment              'UNP residues 1221-1239' 
_entity.details                    ? 
# 
_entity_name_com.entity_id   1 
_entity_name_com.name        EBA-175 
# 
_entity_poly.entity_id                      1 
_entity_poly.type                           'polypeptide(L)' 
_entity_poly.nstd_linkage                   no 
_entity_poly.nstd_monomer                   no 
_entity_poly.pdbx_seq_one_letter_code       YTNQNINISQERDLQKHGFH 
_entity_poly.pdbx_seq_one_letter_code_can   YTNQNINISQERDLQKHGFH 
_entity_poly.pdbx_strand_id                 A 
_entity_poly.pdbx_target_identifier         ? 
# 
loop_
_entity_poly_seq.entity_id 
_entity_poly_seq.num 
_entity_poly_seq.mon_id 
_entity_poly_seq.hetero 
1 1  TYR n 
1 2  THR n 
1 3  ASN n 
1 4  GLN n 
1 5  ASN n 
1 6  ILE n 
1 7  ASN n 
1 8  ILE n 
1 9  SER n 
1 10 GLN n 
1 11 GLU n 
1 12 ARG n 
1 13 ASP n 
1 14 LEU n 
1 15 GLN n 
1 16 LYS n 
1 17 HIS n 
1 18 GLY n 
1 19 PHE n 
1 20 HIS n 
# 
_pdbx_entity_src_syn.entity_id              1 
_pdbx_entity_src_syn.pdbx_src_id            1 
_pdbx_entity_src_syn.pdbx_alt_source_flag   sample 
_pdbx_entity_src_syn.pdbx_beg_seq_num       ? 
_pdbx_entity_src_syn.pdbx_end_seq_num       ? 
_pdbx_entity_src_syn.organism_scientific    'Plasmodium falciparum CAMP/Malaysia' 
_pdbx_entity_src_syn.organism_common_name   ? 
_pdbx_entity_src_syn.ncbi_taxonomy_id       5835 
_pdbx_entity_src_syn.details                ? 
# 
loop_
_chem_comp.id 
_chem_comp.type 
_chem_comp.mon_nstd_flag 
_chem_comp.name 
_chem_comp.pdbx_synonyms 
_chem_comp.formula 
_chem_comp.formula_weight 
ARG 'L-peptide linking' y ARGININE        ? 'C6 H15 N4 O2 1' 175.209 
ASN 'L-peptide linking' y ASPARAGINE      ? 'C4 H8 N2 O3'    132.118 
ASP 'L-peptide linking' y 'ASPARTIC ACID' ? 'C4 H7 N O4'     133.103 
GLN 'L-peptide linking' y GLUTAMINE       ? 'C5 H10 N2 O3'   146.144 
GLU 'L-peptide linking' y 'GLUTAMIC ACID' ? 'C5 H9 N O4'     147.129 
GLY 'peptide linking'   y GLYCINE         ? 'C2 H5 N O2'     75.067  
HIS 'L-peptide linking' y HISTIDINE       ? 'C6 H10 N3 O2 1' 156.162 
ILE 'L-peptide linking' y ISOLEUCINE      ? 'C6 H13 N O2'    131.173 
LEU 'L-peptide linking' y LEUCINE         ? 'C6 H13 N O2'    131.173 
LYS 'L-peptide linking' y LYSINE          ? 'C6 H15 N2 O2 1' 147.195 
PHE 'L-peptide linking' y PHENYLALANINE   ? 'C9 H11 N O2'    165.189 
SER 'L-peptide linking' y SERINE          ? 'C3 H7 N O3'     105.093 
THR 'L-peptide linking' y THREONINE       ? 'C4 H9 N O3'     119.119 
TYR 'L-peptide linking' y TYROSINE        ? 'C9 H11 N O3'    181.189 
# 
loop_
_pdbx_poly_seq_scheme.asym_id 
_pdbx_poly_seq_scheme.entity_id 
_pdbx_poly_seq_scheme.seq_id 
_pdbx_poly_seq_scheme.mon_id 
_pdbx_poly_seq_scheme.ndb_seq_num 
_pdbx_poly_seq_scheme.pdb_seq_num 
_pdbx_poly_seq_scheme.auth_seq_num 
_pdbx_poly_seq_scheme.pdb_mon_id 
_pdbx_poly_seq_scheme.auth_mon_id 
_pdbx_poly_seq_scheme.pdb_strand_id 
_pdbx_poly_seq_scheme.pdb_ins_code 
_pdbx_poly_seq_scheme.hetero 
A 1 1  TYR 1  1  1  TYR TYR A . n 
A 1 2  THR 2  2  2  THR THR A . n 
A 1 3  ASN 3  3  3  ASN ASN A . n 
A 1 4  GLN 4  4  4  GLN GLN A . n 
A 1 5  ASN 5  5  5  ASN ASN A . n 
A 1 6  ILE 6  6  6  ILE ILE A . n 
A 1 7  ASN 7  7  7  ASN ASN A . n 
A 1 8  ILE 8  8  8  ILE ILE A . n 
A 1 9  SER 9  9  9  SER SER A . n 
A 1 10 GLN 10 10 10 GLN GLN A . n 
A 1 11 GLU 11 11 11 GLU GLU A . n 
A 1 12 ARG 12 12 12 ARG ARG A . n 
A 1 13 ASP 13 13 13 ASP ASP A . n 
A 1 14 LEU 14 14 14 LEU LEU A . n 
A 1 15 GLN 15 15 15 GLN GLN A . n 
A 1 16 LYS 16 16 16 LYS LYS A . n 
A 1 17 HIS 17 17 17 HIS HIS A . n 
A 1 18 GLY 18 18 18 GLY GLY A . n 
A 1 19 PHE 19 19 19 PHE PHE A . n 
A 1 20 HIS 20 20 20 HIS HIS A . n 
# 
_exptl.absorpt_coefficient_mu     ? 
_exptl.absorpt_correction_T_max   ? 
_exptl.absorpt_correction_T_min   ? 
_exptl.absorpt_correction_type    ? 
_exptl.absorpt_process_details    ? 
_exptl.crystals_number            ? 
_exptl.details                    ? 
_exptl.entry_id                   2MTW 
_exptl.method                     'SOLUTION NMR' 
_exptl.method_details             ? 
# 
_struct.entry_id                  2MTW 
_struct.title                     
;Evidence supporting the hypothesis that specifically modifying a malaria peptide to fit into HLA-DR 1*03 molecules induces antibody production and protection
;
_struct.pdbx_model_details        'lowest energy, model7' 
_struct.pdbx_CASP_flag            ? 
_struct.pdbx_model_type_details   ? 
# 
_struct_keywords.entry_id        2MTW 
_struct_keywords.pdbx_keywords   'PROTEIN BINDING' 
_struct_keywords.text            'EBA-175, PROTEIN BINDING' 
# 
_struct_asym.id                            A 
_struct_asym.pdbx_blank_PDB_chainid_flag   N 
_struct_asym.pdbx_modified                 N 
_struct_asym.entity_id                     1 
_struct_asym.details                       ? 
# 
_struct_ref.id                         1 
_struct_ref.db_name                    UNP 
_struct_ref.db_code                    EBA1_PLAFC 
_struct_ref.pdbx_db_accession          P19214 
_struct_ref.entity_id                  1 
_struct_ref.pdbx_seq_one_letter_code   TNQNINISQERDLQKHGFH 
_struct_ref.pdbx_align_begin           1221 
_struct_ref.pdbx_db_isoform            ? 
# 
_struct_ref_seq.align_id                      1 
_struct_ref_seq.ref_id                        1 
_struct_ref_seq.pdbx_PDB_id_code              2MTW 
_struct_ref_seq.pdbx_strand_id                A 
_struct_ref_seq.seq_align_beg                 2 
_struct_ref_seq.pdbx_seq_align_beg_ins_code   ? 
_struct_ref_seq.seq_align_end                 20 
_struct_ref_seq.pdbx_seq_align_end_ins_code   ? 
_struct_ref_seq.pdbx_db_accession             P19214 
_struct_ref_seq.db_align_beg                  1221 
_struct_ref_seq.pdbx_db_align_beg_ins_code    ? 
_struct_ref_seq.db_align_end                  1239 
_struct_ref_seq.pdbx_db_align_end_ins_code    ? 
_struct_ref_seq.pdbx_auth_seq_align_beg       2 
_struct_ref_seq.pdbx_auth_seq_align_end       20 
# 
_struct_ref_seq_dif.align_id                     1 
_struct_ref_seq_dif.pdbx_pdb_id_code             2MTW 
_struct_ref_seq_dif.mon_id                       TYR 
_struct_ref_seq_dif.pdbx_pdb_strand_id           A 
_struct_ref_seq_dif.seq_num                      1 
_struct_ref_seq_dif.pdbx_pdb_ins_code            ? 
_struct_ref_seq_dif.pdbx_seq_db_name             UNP 
_struct_ref_seq_dif.pdbx_seq_db_accession_code   P19214 
_struct_ref_seq_dif.db_mon_id                    ? 
_struct_ref_seq_dif.pdbx_seq_db_seq_num          ? 
_struct_ref_seq_dif.details                      insertion 
_struct_ref_seq_dif.pdbx_auth_seq_num            1 
_struct_ref_seq_dif.pdbx_ordinal                 1 
# 
_pdbx_struct_assembly.id                   1 
_pdbx_struct_assembly.details              author_defined_assembly 
_pdbx_struct_assembly.method_details       ? 
_pdbx_struct_assembly.oligomeric_details   monomeric 
_pdbx_struct_assembly.oligomeric_count     1 
# 
_pdbx_struct_assembly_gen.assembly_id       1 
_pdbx_struct_assembly_gen.oper_expression   1 
_pdbx_struct_assembly_gen.asym_id_list      A 
# 
_pdbx_struct_oper_list.id                   1 
_pdbx_struct_oper_list.type                 'identity operation' 
_pdbx_struct_oper_list.name                 1_555 
_pdbx_struct_oper_list.symmetry_operation   x,y,z 
_pdbx_struct_oper_list.matrix[1][1]         1.0000000000 
_pdbx_struct_oper_list.matrix[1][2]         0.0000000000 
_pdbx_struct_oper_list.matrix[1][3]         0.0000000000 
_pdbx_struct_oper_list.vector[1]            0.0000000000 
_pdbx_struct_oper_list.matrix[2][1]         0.0000000000 
_pdbx_struct_oper_list.matrix[2][2]         1.0000000000 
_pdbx_struct_oper_list.matrix[2][3]         0.0000000000 
_pdbx_struct_oper_list.vector[2]            0.0000000000 
_pdbx_struct_oper_list.matrix[3][1]         0.0000000000 
_pdbx_struct_oper_list.matrix[3][2]         0.0000000000 
_pdbx_struct_oper_list.matrix[3][3]         1.0000000000 
_pdbx_struct_oper_list.vector[3]            0.0000000000 
# 
_struct_biol.id        1 
_struct_biol.details   ? 
# 
_struct_conf.conf_type_id            HELX_P 
_struct_conf.id                      HELX_P1 
_struct_conf.pdbx_PDB_helix_id       1 
_struct_conf.beg_label_comp_id       GLN 
_struct_conf.beg_label_asym_id       A 
_struct_conf.beg_label_seq_id        4 
_struct_conf.pdbx_beg_PDB_ins_code   ? 
_struct_conf.end_label_comp_id       GLN 
_struct_conf.end_label_asym_id       A 
_struct_conf.end_label_seq_id        15 
_struct_conf.pdbx_end_PDB_ins_code   ? 
_struct_conf.beg_auth_comp_id        GLN 
_struct_conf.beg_auth_asym_id        A 
_struct_conf.beg_auth_seq_id         4 
_struct_conf.end_auth_comp_id        GLN 
_struct_conf.end_auth_asym_id        A 
_struct_conf.end_auth_seq_id         15 
_struct_conf.pdbx_PDB_helix_class    1 
_struct_conf.details                 ? 
_struct_conf.pdbx_PDB_helix_length   12 
# 
_struct_conf_type.id          HELX_P 
_struct_conf_type.criteria    ? 
_struct_conf_type.reference   ? 
# 
_pdbx_validate_rmsd_bond.id                        1 
_pdbx_validate_rmsd_bond.PDB_model_num             1 
_pdbx_validate_rmsd_bond.auth_atom_id_1            CD 
_pdbx_validate_rmsd_bond.auth_asym_id_1            A 
_pdbx_validate_rmsd_bond.auth_comp_id_1            GLU 
_pdbx_validate_rmsd_bond.auth_seq_id_1             11 
_pdbx_validate_rmsd_bond.PDB_ins_code_1            ? 
_pdbx_validate_rmsd_bond.label_alt_id_1            ? 
_pdbx_validate_rmsd_bond.auth_atom_id_2            OE2 
_pdbx_validate_rmsd_bond.auth_asym_id_2            A 
_pdbx_validate_rmsd_bond.auth_comp_id_2            GLU 
_pdbx_validate_rmsd_bond.auth_seq_id_2             11 
_pdbx_validate_rmsd_bond.PDB_ins_code_2            ? 
_pdbx_validate_rmsd_bond.label_alt_id_2            ? 
_pdbx_validate_rmsd_bond.bond_value                1.371 
_pdbx_validate_rmsd_bond.bond_target_value         1.252 
_pdbx_validate_rmsd_bond.bond_deviation            0.119 
_pdbx_validate_rmsd_bond.bond_standard_deviation   0.011 
_pdbx_validate_rmsd_bond.linker_flag               N 
# 
loop_
_pdbx_validate_rmsd_angle.id 
_pdbx_validate_rmsd_angle.PDB_model_num 
_pdbx_validate_rmsd_angle.auth_atom_id_1 
_pdbx_validate_rmsd_angle.auth_asym_id_1 
_pdbx_validate_rmsd_angle.auth_comp_id_1 
_pdbx_validate_rmsd_angle.auth_seq_id_1 
_pdbx_validate_rmsd_angle.PDB_ins_code_1 
_pdbx_validate_rmsd_angle.label_alt_id_1 
_pdbx_validate_rmsd_angle.auth_atom_id_2 
_pdbx_validate_rmsd_angle.auth_asym_id_2 
_pdbx_validate_rmsd_angle.auth_comp_id_2 
_pdbx_validate_rmsd_angle.auth_seq_id_2 
_pdbx_validate_rmsd_angle.PDB_ins_code_2 
_pdbx_validate_rmsd_angle.label_alt_id_2 
_pdbx_validate_rmsd_angle.auth_atom_id_3 
_pdbx_validate_rmsd_angle.auth_asym_id_3 
_pdbx_validate_rmsd_angle.auth_comp_id_3 
_pdbx_validate_rmsd_angle.auth_seq_id_3 
_pdbx_validate_rmsd_angle.PDB_ins_code_3 
_pdbx_validate_rmsd_angle.label_alt_id_3 
_pdbx_validate_rmsd_angle.angle_value 
_pdbx_validate_rmsd_angle.angle_target_value 
_pdbx_validate_rmsd_angle.angle_deviation 
_pdbx_validate_rmsd_angle.angle_standard_deviation 
_pdbx_validate_rmsd_angle.linker_flag 
1 1 NE  A ARG 12 ? ? CZ  A ARG 12 ? ? NH1 A ARG 12 ? ? 124.05 120.30 3.75  0.50 N 
2 1 CB  A ASP 13 ? ? CG  A ASP 13 ? ? OD2 A ASP 13 ? ? 112.25 118.30 -6.05 0.90 N 
3 1 ND1 A HIS 17 ? ? CE1 A HIS 17 ? ? NE2 A HIS 17 ? ? 120.20 111.50 8.70  1.30 N 
4 1 ND1 A HIS 20 ? ? CE1 A HIS 20 ? ? NE2 A HIS 20 ? ? 120.15 111.50 8.65  1.30 N 
# 
loop_
_pdbx_validate_torsion.id 
_pdbx_validate_torsion.PDB_model_num 
_pdbx_validate_torsion.auth_comp_id 
_pdbx_validate_torsion.auth_asym_id 
_pdbx_validate_torsion.auth_seq_id 
_pdbx_validate_torsion.PDB_ins_code 
_pdbx_validate_torsion.label_alt_id 
_pdbx_validate_torsion.phi 
_pdbx_validate_torsion.psi 
1 1 THR A 2  ? ? -77.32 -71.36 
2 1 ASN A 3  ? ? 67.60  69.34  
3 1 GLN A 4  ? ? -90.09 -65.47 
4 1 HIS A 17 ? ? -96.44 -70.66 
# 
_pdbx_nmr_ensemble.average_constraint_violations_per_residue     ? 
_pdbx_nmr_ensemble.average_constraints_per_residue               ? 
_pdbx_nmr_ensemble.average_distance_constraint_violation         ? 
_pdbx_nmr_ensemble.average_torsion_angle_constraint_violation    ? 
_pdbx_nmr_ensemble.conformer_selection_criteria                  'structures with the least restraint violations' 
_pdbx_nmr_ensemble.conformers_calculated_total_number            50 
_pdbx_nmr_ensemble.conformers_submitted_total_number             1 
_pdbx_nmr_ensemble.distance_constraint_violation_method          ? 
_pdbx_nmr_ensemble.entry_id                                      2MTW 
_pdbx_nmr_ensemble.maximum_distance_constraint_violation         ? 
_pdbx_nmr_ensemble.maximum_lower_distance_constraint_violation   ? 
_pdbx_nmr_ensemble.maximum_torsion_angle_constraint_violation    ? 
_pdbx_nmr_ensemble.maximum_upper_distance_constraint_violation   ? 
_pdbx_nmr_ensemble.representative_conformer                      7 
_pdbx_nmr_ensemble.torsion_angle_constraint_violation_method     ? 
# 
_pdbx_nmr_representative.conformer_id         1 
_pdbx_nmr_representative.entry_id             2MTW 
_pdbx_nmr_representative.selection_criteria   'lowest energy' 
# 
_pdbx_nmr_sample_details.contents         '8 mM DMSO, DMSO' 
_pdbx_nmr_sample_details.solution_id      1 
_pdbx_nmr_sample_details.solvent_system   DMSO 
# 
_pdbx_nmr_exptl_sample.component             DMSO-1 
_pdbx_nmr_exptl_sample.concentration         8 
_pdbx_nmr_exptl_sample.concentration_range   ? 
_pdbx_nmr_exptl_sample.concentration_units   mM 
_pdbx_nmr_exptl_sample.isotopic_labeling     ? 
_pdbx_nmr_exptl_sample.solution_id           1 
# 
_pdbx_nmr_exptl_sample_conditions.conditions_id       1 
_pdbx_nmr_exptl_sample_conditions.ionic_strength      ? 
_pdbx_nmr_exptl_sample_conditions.pH                  3.7 
_pdbx_nmr_exptl_sample_conditions.pressure            ambient 
_pdbx_nmr_exptl_sample_conditions.pressure_units      ? 
_pdbx_nmr_exptl_sample_conditions.temperature         295 
_pdbx_nmr_exptl_sample_conditions.temperature_units   K 
# 
loop_
_pdbx_nmr_exptl.conditions_id 
_pdbx_nmr_exptl.experiment_id 
_pdbx_nmr_exptl.solution_id 
_pdbx_nmr_exptl.type 
1 1 1 '2D DQF-COSY'    
1 2 1 '2D 1H-1H TOCSY' 
1 3 1 '2D 1H-1H NOESY' 
# 
_pdbx_nmr_refine.entry_id           2MTW 
_pdbx_nmr_refine.method             'distance geometry, DGSA-distance geometry simulated annealing' 
_pdbx_nmr_refine.details            ? 
_pdbx_nmr_refine.software_ordinal   1 
# 
loop_
_pdbx_nmr_software.authors 
_pdbx_nmr_software.classification 
_pdbx_nmr_software.name 
_pdbx_nmr_software.ordinal 
_pdbx_nmr_software.version 
'Accelrys Software Inc.' 'geometry optimization' 'Insight II' 1 ? 
'Accelrys Software Inc.' refinement              'Insight II' 2 ? 
# 
loop_
_chem_comp_atom.comp_id 
_chem_comp_atom.atom_id 
_chem_comp_atom.type_symbol 
_chem_comp_atom.pdbx_aromatic_flag 
_chem_comp_atom.pdbx_stereo_config 
_chem_comp_atom.pdbx_ordinal 
ARG N    N N N 1   
ARG CA   C N S 2   
ARG C    C N N 3   
ARG O    O N N 4   
ARG CB   C N N 5   
ARG CG   C N N 6   
ARG CD   C N N 7   
ARG NE   N N N 8   
ARG CZ   C N N 9   
ARG NH1  N N N 10  
ARG NH2  N N N 11  
ARG OXT  O N N 12  
ARG H    H N N 13  
ARG H2   H N N 14  
ARG HA   H N N 15  
ARG HB2  H N N 16  
ARG HB3  H N N 17  
ARG HG2  H N N 18  
ARG HG3  H N N 19  
ARG HD2  H N N 20  
ARG HD3  H N N 21  
ARG HE   H N N 22  
ARG HH11 H N N 23  
ARG HH12 H N N 24  
ARG HH21 H N N 25  
ARG HH22 H N N 26  
ARG HXT  H N N 27  
ASN N    N N N 28  
ASN CA   C N S 29  
ASN C    C N N 30  
ASN O    O N N 31  
ASN CB   C N N 32  
ASN CG   C N N 33  
ASN OD1  O N N 34  
ASN ND2  N N N 35  
ASN OXT  O N N 36  
ASN H    H N N 37  
ASN H2   H N N 38  
ASN HA   H N N 39  
ASN HB2  H N N 40  
ASN HB3  H N N 41  
ASN HD21 H N N 42  
ASN HD22 H N N 43  
ASN HXT  H N N 44  
ASP N    N N N 45  
ASP CA   C N S 46  
ASP C    C N N 47  
ASP O    O N N 48  
ASP CB   C N N 49  
ASP CG   C N N 50  
ASP OD1  O N N 51  
ASP OD2  O N N 52  
ASP OXT  O N N 53  
ASP H    H N N 54  
ASP H2   H N N 55  
ASP HA   H N N 56  
ASP HB2  H N N 57  
ASP HB3  H N N 58  
ASP HD2  H N N 59  
ASP HXT  H N N 60  
GLN N    N N N 61  
GLN CA   C N S 62  
GLN C    C N N 63  
GLN O    O N N 64  
GLN CB   C N N 65  
GLN CG   C N N 66  
GLN CD   C N N 67  
GLN OE1  O N N 68  
GLN NE2  N N N 69  
GLN OXT  O N N 70  
GLN H    H N N 71  
GLN H2   H N N 72  
GLN HA   H N N 73  
GLN HB2  H N N 74  
GLN HB3  H N N 75  
GLN HG2  H N N 76  
GLN HG3  H N N 77  
GLN HE21 H N N 78  
GLN HE22 H N N 79  
GLN HXT  H N N 80  
GLU N    N N N 81  
GLU CA   C N S 82  
GLU C    C N N 83  
GLU O    O N N 84  
GLU CB   C N N 85  
GLU CG   C N N 86  
GLU CD   C N N 87  
GLU OE1  O N N 88  
GLU OE2  O N N 89  
GLU OXT  O N N 90  
GLU H    H N N 91  
GLU H2   H N N 92  
GLU HA   H N N 93  
GLU HB2  H N N 94  
GLU HB3  H N N 95  
GLU HG2  H N N 96  
GLU HG3  H N N 97  
GLU HE2  H N N 98  
GLU HXT  H N N 99  
GLY N    N N N 100 
GLY CA   C N N 101 
GLY C    C N N 102 
GLY O    O N N 103 
GLY OXT  O N N 104 
GLY H    H N N 105 
GLY H2   H N N 106 
GLY HA2  H N N 107 
GLY HA3  H N N 108 
GLY HXT  H N N 109 
HIS N    N N N 110 
HIS CA   C N S 111 
HIS C    C N N 112 
HIS O    O N N 113 
HIS CB   C N N 114 
HIS CG   C Y N 115 
HIS ND1  N Y N 116 
HIS CD2  C Y N 117 
HIS CE1  C Y N 118 
HIS NE2  N Y N 119 
HIS OXT  O N N 120 
HIS H    H N N 121 
HIS H2   H N N 122 
HIS HA   H N N 123 
HIS HB2  H N N 124 
HIS HB3  H N N 125 
HIS HD1  H N N 126 
HIS HD2  H N N 127 
HIS HE1  H N N 128 
HIS HE2  H N N 129 
HIS HXT  H N N 130 
ILE N    N N N 131 
ILE CA   C N S 132 
ILE C    C N N 133 
ILE O    O N N 134 
ILE CB   C N S 135 
ILE CG1  C N N 136 
ILE CG2  C N N 137 
ILE CD1  C N N 138 
ILE OXT  O N N 139 
ILE H    H N N 140 
ILE H2   H N N 141 
ILE HA   H N N 142 
ILE HB   H N N 143 
ILE HG12 H N N 144 
ILE HG13 H N N 145 
ILE HG21 H N N 146 
ILE HG22 H N N 147 
ILE HG23 H N N 148 
ILE HD11 H N N 149 
ILE HD12 H N N 150 
ILE HD13 H N N 151 
ILE HXT  H N N 152 
LEU N    N N N 153 
LEU CA   C N S 154 
LEU C    C N N 155 
LEU O    O N N 156 
LEU CB   C N N 157 
LEU CG   C N N 158 
LEU CD1  C N N 159 
LEU CD2  C N N 160 
LEU OXT  O N N 161 
LEU H    H N N 162 
LEU H2   H N N 163 
LEU HA   H N N 164 
LEU HB2  H N N 165 
LEU HB3  H N N 166 
LEU HG   H N N 167 
LEU HD11 H N N 168 
LEU HD12 H N N 169 
LEU HD13 H N N 170 
LEU HD21 H N N 171 
LEU HD22 H N N 172 
LEU HD23 H N N 173 
LEU HXT  H N N 174 
LYS N    N N N 175 
LYS CA   C N S 176 
LYS C    C N N 177 
LYS O    O N N 178 
LYS CB   C N N 179 
LYS CG   C N N 180 
LYS CD   C N N 181 
LYS CE   C N N 182 
LYS NZ   N N N 183 
LYS OXT  O N N 184 
LYS H    H N N 185 
LYS H2   H N N 186 
LYS HA   H N N 187 
LYS HB2  H N N 188 
LYS HB3  H N N 189 
LYS HG2  H N N 190 
LYS HG3  H N N 191 
LYS HD2  H N N 192 
LYS HD3  H N N 193 
LYS HE2  H N N 194 
LYS HE3  H N N 195 
LYS HZ1  H N N 196 
LYS HZ2  H N N 197 
LYS HZ3  H N N 198 
LYS HXT  H N N 199 
PHE N    N N N 200 
PHE CA   C N S 201 
PHE C    C N N 202 
PHE O    O N N 203 
PHE CB   C N N 204 
PHE CG   C Y N 205 
PHE CD1  C Y N 206 
PHE CD2  C Y N 207 
PHE CE1  C Y N 208 
PHE CE2  C Y N 209 
PHE CZ   C Y N 210 
PHE OXT  O N N 211 
PHE H    H N N 212 
PHE H2   H N N 213 
PHE HA   H N N 214 
PHE HB2  H N N 215 
PHE HB3  H N N 216 
PHE HD1  H N N 217 
PHE HD2  H N N 218 
PHE HE1  H N N 219 
PHE HE2  H N N 220 
PHE HZ   H N N 221 
PHE HXT  H N N 222 
SER N    N N N 223 
SER CA   C N S 224 
SER C    C N N 225 
SER O    O N N 226 
SER CB   C N N 227 
SER OG   O N N 228 
SER OXT  O N N 229 
SER H    H N N 230 
SER H2   H N N 231 
SER HA   H N N 232 
SER HB2  H N N 233 
SER HB3  H N N 234 
SER HG   H N N 235 
SER HXT  H N N 236 
THR N    N N N 237 
THR CA   C N S 238 
THR C    C N N 239 
THR O    O N N 240 
THR CB   C N R 241 
THR OG1  O N N 242 
THR CG2  C N N 243 
THR OXT  O N N 244 
THR H    H N N 245 
THR H2   H N N 246 
THR HA   H N N 247 
THR HB   H N N 248 
THR HG1  H N N 249 
THR HG21 H N N 250 
THR HG22 H N N 251 
THR HG23 H N N 252 
THR HXT  H N N 253 
TYR N    N N N 254 
TYR CA   C N S 255 
TYR C    C N N 256 
TYR O    O N N 257 
TYR CB   C N N 258 
TYR CG   C Y N 259 
TYR CD1  C Y N 260 
TYR CD2  C Y N 261 
TYR CE1  C Y N 262 
TYR CE2  C Y N 263 
TYR CZ   C Y N 264 
TYR OH   O N N 265 
TYR OXT  O N N 266 
TYR H    H N N 267 
TYR H2   H N N 268 
TYR HA   H N N 269 
TYR HB2  H N N 270 
TYR HB3  H N N 271 
TYR HD1  H N N 272 
TYR HD2  H N N 273 
TYR HE1  H N N 274 
TYR HE2  H N N 275 
TYR HH   H N N 276 
TYR HXT  H N N 277 
# 
loop_
_chem_comp_bond.comp_id 
_chem_comp_bond.atom_id_1 
_chem_comp_bond.atom_id_2 
_chem_comp_bond.value_order 
_chem_comp_bond.pdbx_aromatic_flag 
_chem_comp_bond.pdbx_stereo_config 
_chem_comp_bond.pdbx_ordinal 
ARG N   CA   sing N N 1   
ARG N   H    sing N N 2   
ARG N   H2   sing N N 3   
ARG CA  C    sing N N 4   
ARG CA  CB   sing N N 5   
ARG CA  HA   sing N N 6   
ARG C   O    doub N N 7   
ARG C   OXT  sing N N 8   
ARG CB  CG   sing N N 9   
ARG CB  HB2  sing N N 10  
ARG CB  HB3  sing N N 11  
ARG CG  CD   sing N N 12  
ARG CG  HG2  sing N N 13  
ARG CG  HG3  sing N N 14  
ARG CD  NE   sing N N 15  
ARG CD  HD2  sing N N 16  
ARG CD  HD3  sing N N 17  
ARG NE  CZ   sing N N 18  
ARG NE  HE   sing N N 19  
ARG CZ  NH1  sing N N 20  
ARG CZ  NH2  doub N N 21  
ARG NH1 HH11 sing N N 22  
ARG NH1 HH12 sing N N 23  
ARG NH2 HH21 sing N N 24  
ARG NH2 HH22 sing N N 25  
ARG OXT HXT  sing N N 26  
ASN N   CA   sing N N 27  
ASN N   H    sing N N 28  
ASN N   H2   sing N N 29  
ASN CA  C    sing N N 30  
ASN CA  CB   sing N N 31  
ASN CA  HA   sing N N 32  
ASN C   O    doub N N 33  
ASN C   OXT  sing N N 34  
ASN CB  CG   sing N N 35  
ASN CB  HB2  sing N N 36  
ASN CB  HB3  sing N N 37  
ASN CG  OD1  doub N N 38  
ASN CG  ND2  sing N N 39  
ASN ND2 HD21 sing N N 40  
ASN ND2 HD22 sing N N 41  
ASN OXT HXT  sing N N 42  
ASP N   CA   sing N N 43  
ASP N   H    sing N N 44  
ASP N   H2   sing N N 45  
ASP CA  C    sing N N 46  
ASP CA  CB   sing N N 47  
ASP CA  HA   sing N N 48  
ASP C   O    doub N N 49  
ASP C   OXT  sing N N 50  
ASP CB  CG   sing N N 51  
ASP CB  HB2  sing N N 52  
ASP CB  HB3  sing N N 53  
ASP CG  OD1  doub N N 54  
ASP CG  OD2  sing N N 55  
ASP OD2 HD2  sing N N 56  
ASP OXT HXT  sing N N 57  
GLN N   CA   sing N N 58  
GLN N   H    sing N N 59  
GLN N   H2   sing N N 60  
GLN CA  C    sing N N 61  
GLN CA  CB   sing N N 62  
GLN CA  HA   sing N N 63  
GLN C   O    doub N N 64  
GLN C   OXT  sing N N 65  
GLN CB  CG   sing N N 66  
GLN CB  HB2  sing N N 67  
GLN CB  HB3  sing N N 68  
GLN CG  CD   sing N N 69  
GLN CG  HG2  sing N N 70  
GLN CG  HG3  sing N N 71  
GLN CD  OE1  doub N N 72  
GLN CD  NE2  sing N N 73  
GLN NE2 HE21 sing N N 74  
GLN NE2 HE22 sing N N 75  
GLN OXT HXT  sing N N 76  
GLU N   CA   sing N N 77  
GLU N   H    sing N N 78  
GLU N   H2   sing N N 79  
GLU CA  C    sing N N 80  
GLU CA  CB   sing N N 81  
GLU CA  HA   sing N N 82  
GLU C   O    doub N N 83  
GLU C   OXT  sing N N 84  
GLU CB  CG   sing N N 85  
GLU CB  HB2  sing N N 86  
GLU CB  HB3  sing N N 87  
GLU CG  CD   sing N N 88  
GLU CG  HG2  sing N N 89  
GLU CG  HG3  sing N N 90  
GLU CD  OE1  doub N N 91  
GLU CD  OE2  sing N N 92  
GLU OE2 HE2  sing N N 93  
GLU OXT HXT  sing N N 94  
GLY N   CA   sing N N 95  
GLY N   H    sing N N 96  
GLY N   H2   sing N N 97  
GLY CA  C    sing N N 98  
GLY CA  HA2  sing N N 99  
GLY CA  HA3  sing N N 100 
GLY C   O    doub N N 101 
GLY C   OXT  sing N N 102 
GLY OXT HXT  sing N N 103 
HIS N   CA   sing N N 104 
HIS N   H    sing N N 105 
HIS N   H2   sing N N 106 
HIS CA  C    sing N N 107 
HIS CA  CB   sing N N 108 
HIS CA  HA   sing N N 109 
HIS C   O    doub N N 110 
HIS C   OXT  sing N N 111 
HIS CB  CG   sing N N 112 
HIS CB  HB2  sing N N 113 
HIS CB  HB3  sing N N 114 
HIS CG  ND1  sing Y N 115 
HIS CG  CD2  doub Y N 116 
HIS ND1 CE1  doub Y N 117 
HIS ND1 HD1  sing N N 118 
HIS CD2 NE2  sing Y N 119 
HIS CD2 HD2  sing N N 120 
HIS CE1 NE2  sing Y N 121 
HIS CE1 HE1  sing N N 122 
HIS NE2 HE2  sing N N 123 
HIS OXT HXT  sing N N 124 
ILE N   CA   sing N N 125 
ILE N   H    sing N N 126 
ILE N   H2   sing N N 127 
ILE CA  C    sing N N 128 
ILE CA  CB   sing N N 129 
ILE CA  HA   sing N N 130 
ILE C   O    doub N N 131 
ILE C   OXT  sing N N 132 
ILE CB  CG1  sing N N 133 
ILE CB  CG2  sing N N 134 
ILE CB  HB   sing N N 135 
ILE CG1 CD1  sing N N 136 
ILE CG1 HG12 sing N N 137 
ILE CG1 HG13 sing N N 138 
ILE CG2 HG21 sing N N 139 
ILE CG2 HG22 sing N N 140 
ILE CG2 HG23 sing N N 141 
ILE CD1 HD11 sing N N 142 
ILE CD1 HD12 sing N N 143 
ILE CD1 HD13 sing N N 144 
ILE OXT HXT  sing N N 145 
LEU N   CA   sing N N 146 
LEU N   H    sing N N 147 
LEU N   H2   sing N N 148 
LEU CA  C    sing N N 149 
LEU CA  CB   sing N N 150 
LEU CA  HA   sing N N 151 
LEU C   O    doub N N 152 
LEU C   OXT  sing N N 153 
LEU CB  CG   sing N N 154 
LEU CB  HB2  sing N N 155 
LEU CB  HB3  sing N N 156 
LEU CG  CD1  sing N N 157 
LEU CG  CD2  sing N N 158 
LEU CG  HG   sing N N 159 
LEU CD1 HD11 sing N N 160 
LEU CD1 HD12 sing N N 161 
LEU CD1 HD13 sing N N 162 
LEU CD2 HD21 sing N N 163 
LEU CD2 HD22 sing N N 164 
LEU CD2 HD23 sing N N 165 
LEU OXT HXT  sing N N 166 
LYS N   CA   sing N N 167 
LYS N   H    sing N N 168 
LYS N   H2   sing N N 169 
LYS CA  C    sing N N 170 
LYS CA  CB   sing N N 171 
LYS CA  HA   sing N N 172 
LYS C   O    doub N N 173 
LYS C   OXT  sing N N 174 
LYS CB  CG   sing N N 175 
LYS CB  HB2  sing N N 176 
LYS CB  HB3  sing N N 177 
LYS CG  CD   sing N N 178 
LYS CG  HG2  sing N N 179 
LYS CG  HG3  sing N N 180 
LYS CD  CE   sing N N 181 
LYS CD  HD2  sing N N 182 
LYS CD  HD3  sing N N 183 
LYS CE  NZ   sing N N 184 
LYS CE  HE2  sing N N 185 
LYS CE  HE3  sing N N 186 
LYS NZ  HZ1  sing N N 187 
LYS NZ  HZ2  sing N N 188 
LYS NZ  HZ3  sing N N 189 
LYS OXT HXT  sing N N 190 
PHE N   CA   sing N N 191 
PHE N   H    sing N N 192 
PHE N   H2   sing N N 193 
PHE CA  C    sing N N 194 
PHE CA  CB   sing N N 195 
PHE CA  HA   sing N N 196 
PHE C   O    doub N N 197 
PHE C   OXT  sing N N 198 
PHE CB  CG   sing N N 199 
PHE CB  HB2  sing N N 200 
PHE CB  HB3  sing N N 201 
PHE CG  CD1  doub Y N 202 
PHE CG  CD2  sing Y N 203 
PHE CD1 CE1  sing Y N 204 
PHE CD1 HD1  sing N N 205 
PHE CD2 CE2  doub Y N 206 
PHE CD2 HD2  sing N N 207 
PHE CE1 CZ   doub Y N 208 
PHE CE1 HE1  sing N N 209 
PHE CE2 CZ   sing Y N 210 
PHE CE2 HE2  sing N N 211 
PHE CZ  HZ   sing N N 212 
PHE OXT HXT  sing N N 213 
SER N   CA   sing N N 214 
SER N   H    sing N N 215 
SER N   H2   sing N N 216 
SER CA  C    sing N N 217 
SER CA  CB   sing N N 218 
SER CA  HA   sing N N 219 
SER C   O    doub N N 220 
SER C   OXT  sing N N 221 
SER CB  OG   sing N N 222 
SER CB  HB2  sing N N 223 
SER CB  HB3  sing N N 224 
SER OG  HG   sing N N 225 
SER OXT HXT  sing N N 226 
THR N   CA   sing N N 227 
THR N   H    sing N N 228 
THR N   H2   sing N N 229 
THR CA  C    sing N N 230 
THR CA  CB   sing N N 231 
THR CA  HA   sing N N 232 
THR C   O    doub N N 233 
THR C   OXT  sing N N 234 
THR CB  OG1  sing N N 235 
THR CB  CG2  sing N N 236 
THR CB  HB   sing N N 237 
THR OG1 HG1  sing N N 238 
THR CG2 HG21 sing N N 239 
THR CG2 HG22 sing N N 240 
THR CG2 HG23 sing N N 241 
THR OXT HXT  sing N N 242 
TYR N   CA   sing N N 243 
TYR N   H    sing N N 244 
TYR N   H2   sing N N 245 
TYR CA  C    sing N N 246 
TYR CA  CB   sing N N 247 
TYR CA  HA   sing N N 248 
TYR C   O    doub N N 249 
TYR C   OXT  sing N N 250 
TYR CB  CG   sing N N 251 
TYR CB  HB2  sing N N 252 
TYR CB  HB3  sing N N 253 
TYR CG  CD1  doub Y N 254 
TYR CG  CD2  sing Y N 255 
TYR CD1 CE1  sing Y N 256 
TYR CD1 HD1  sing N N 257 
TYR CD2 CE2  doub Y N 258 
TYR CD2 HD2  sing N N 259 
TYR CE1 CZ   doub Y N 260 
TYR CE1 HE1  sing N N 261 
TYR CE2 CZ   sing Y N 262 
TYR CE2 HE2  sing N N 263 
TYR CZ  OH   sing N N 264 
TYR OH  HH   sing N N 265 
TYR OXT HXT  sing N N 266 
# 
_pdbx_nmr_spectrometer.field_strength    600 
_pdbx_nmr_spectrometer.manufacturer      Bruker 
_pdbx_nmr_spectrometer.model             DRX 
_pdbx_nmr_spectrometer.spectrometer_id   1 
_pdbx_nmr_spectrometer.type              'Bruker DRX' 
# 
_atom_sites.entry_id                    2MTW 
_atom_sites.fract_transf_matrix[1][1]   1.000000 
_atom_sites.fract_transf_matrix[1][2]   0.000000 
_atom_sites.fract_transf_matrix[1][3]   0.000000 
_atom_sites.fract_transf_matrix[2][1]   0.000000 
_atom_sites.fract_transf_matrix[2][2]   1.000000 
_atom_sites.fract_transf_matrix[2][3]   0.000000 
_atom_sites.fract_transf_matrix[3][1]   0.000000 
_atom_sites.fract_transf_matrix[3][2]   0.000000 
_atom_sites.fract_transf_matrix[3][3]   1.000000 
_atom_sites.fract_transf_vector[1]      0.00000 
_atom_sites.fract_transf_vector[2]      0.00000 
_atom_sites.fract_transf_vector[3]      0.00000 
# 
loop_
_atom_type.symbol 
C 
H 
N 
O 
# 
loop_
_atom_site.group_PDB 
_atom_site.id 
_atom_site.type_symbol 
_atom_site.label_atom_id 
_atom_site.label_alt_id 
_atom_site.label_comp_id 
_atom_site.label_asym_id 
_atom_site.label_entity_id 
_atom_site.label_seq_id 
_atom_site.pdbx_PDB_ins_code 
_atom_site.Cartn_x 
_atom_site.Cartn_y 
_atom_site.Cartn_z 
_atom_site.occupancy 
_atom_site.B_iso_or_equiv 
_atom_site.pdbx_formal_charge 
_atom_site.auth_seq_id 
_atom_site.auth_comp_id 
_atom_site.auth_asym_id 
_atom_site.auth_atom_id 
_atom_site.pdbx_PDB_model_num 
ATOM 1   N N    . TYR A 1 1  ? -6.679  10.637  10.760  1.00 0.00 ? 1  TYR A N    1 
ATOM 2   C CA   . TYR A 1 1  ? -7.831  11.344  10.133  1.00 0.00 ? 1  TYR A CA   1 
ATOM 3   C C    . TYR A 1 1  ? -7.906  11.074  8.600   1.00 0.00 ? 1  TYR A C    1 
ATOM 4   O O    . TYR A 1 1  ? -8.802  10.352  8.154   1.00 0.00 ? 1  TYR A O    1 
ATOM 5   C CB   . TYR A 1 1  ? -7.820  12.830  10.570  1.00 0.00 ? 1  TYR A CB   1 
ATOM 6   C CG   . TYR A 1 1  ? -9.034  13.672  10.133  1.00 0.00 ? 1  TYR A CG   1 
ATOM 7   C CD1  . TYR A 1 1  ? -10.244 13.583  10.832  1.00 0.00 ? 1  TYR A CD1  1 
ATOM 8   C CD2  . TYR A 1 1  ? -8.941  14.532  9.033   1.00 0.00 ? 1  TYR A CD2  1 
ATOM 9   C CE1  . TYR A 1 1  ? -11.344 14.339  10.432  1.00 0.00 ? 1  TYR A CE1  1 
ATOM 10  C CE2  . TYR A 1 1  ? -10.043 15.285  8.633   1.00 0.00 ? 1  TYR A CE2  1 
ATOM 11  C CZ   . TYR A 1 1  ? -11.244 15.189  9.332   1.00 0.00 ? 1  TYR A CZ   1 
ATOM 12  O OH   . TYR A 1 1  ? -12.328 15.932  8.939   1.00 0.00 ? 1  TYR A OH   1 
ATOM 13  H H1   . TYR A 1 1  ? -5.759  11.081  10.855  1.00 0.00 ? 1  TYR A H1   1 
ATOM 14  H HA   . TYR A 1 1  ? -8.759  10.974  10.567  1.00 0.00 ? 1  TYR A HA   1 
ATOM 15  H HB2  . TYR A 1 1  ? -7.734  12.893  11.677  1.00 0.00 ? 1  TYR A HB2  1 
ATOM 16  H HB3  . TYR A 1 1  ? -6.891  13.269  10.184  1.00 0.00 ? 1  TYR A HB3  1 
ATOM 17  H HD1  . TYR A 1 1  ? -10.337 12.926  11.685  1.00 0.00 ? 1  TYR A HD1  1 
ATOM 18  H HD2  . TYR A 1 1  ? -8.017  14.616  8.479   1.00 0.00 ? 1  TYR A HD2  1 
ATOM 19  H HE1  . TYR A 1 1  ? -12.275 14.262  10.976  1.00 0.00 ? 1  TYR A HE1  1 
ATOM 20  H HE2  . TYR A 1 1  ? -9.961  15.942  7.779   1.00 0.00 ? 1  TYR A HE2  1 
ATOM 21  H HH   . TYR A 1 1  ? -13.064 15.745  9.525   1.00 0.00 ? 1  TYR A HH   1 
ATOM 22  N N    . THR A 1 2  ? -6.971  11.643  7.818   1.00 0.00 ? 2  THR A N    1 
ATOM 23  C CA   . THR A 1 2  ? -6.915  11.479  6.340   1.00 0.00 ? 2  THR A CA   1 
ATOM 24  C C    . THR A 1 2  ? -6.329  10.094  5.930   1.00 0.00 ? 2  THR A C    1 
ATOM 25  O O    . THR A 1 2  ? -7.075  9.239   5.444   1.00 0.00 ? 2  THR A O    1 
ATOM 26  C CB   . THR A 1 2  ? -6.227  12.727  5.719   1.00 0.00 ? 2  THR A CB   1 
ATOM 27  O OG1  . THR A 1 2  ? -6.993  13.900  5.986   1.00 0.00 ? 2  THR A OG1  1 
ATOM 28  C CG2  . THR A 1 2  ? -5.976  12.674  4.202   1.00 0.00 ? 2  THR A CG2  1 
ATOM 29  H H    . THR A 1 2  ? -6.315  12.249  8.317   1.00 0.00 ? 2  THR A H    1 
ATOM 30  H HA   . THR A 1 2  ? -7.930  11.530  5.941   1.00 0.00 ? 2  THR A HA   1 
ATOM 31  H HB   . THR A 1 2  ? -5.258  12.833  6.212   1.00 0.00 ? 2  THR A HB   1 
ATOM 32  H HG1  . THR A 1 2  ? -7.833  13.776  5.537   1.00 0.00 ? 2  THR A HG1  1 
ATOM 33  H HG21 . THR A 1 2  ? -6.916  12.534  3.637   1.00 0.00 ? 2  THR A HG21 1 
ATOM 34  H HG22 . THR A 1 2  ? -5.297  11.844  3.931   1.00 0.00 ? 2  THR A HG22 1 
ATOM 35  H HG23 . THR A 1 2  ? -5.500  13.604  3.844   1.00 0.00 ? 2  THR A HG23 1 
ATOM 36  N N    . ASN A 1 3  ? -5.010  9.896   6.126   1.00 0.00 ? 3  ASN A N    1 
ATOM 37  C CA   . ASN A 1 3  ? -4.278  8.639   5.789   1.00 0.00 ? 3  ASN A CA   1 
ATOM 38  C C    . ASN A 1 3  ? -4.210  8.405   4.245   1.00 0.00 ? 3  ASN A C    1 
ATOM 39  O O    . ASN A 1 3  ? -4.853  7.498   3.707   1.00 0.00 ? 3  ASN A O    1 
ATOM 40  C CB   . ASN A 1 3  ? -4.746  7.371   6.574   1.00 0.00 ? 3  ASN A CB   1 
ATOM 41  C CG   . ASN A 1 3  ? -4.731  7.477   8.112   1.00 0.00 ? 3  ASN A CG   1 
ATOM 42  O OD1  . ASN A 1 3  ? -5.747  7.786   8.733   1.00 0.00 ? 3  ASN A OD1  1 
ATOM 43  N ND2  . ASN A 1 3  ? -3.597  7.222   8.749   1.00 0.00 ? 3  ASN A ND2  1 
ATOM 44  H H    . ASN A 1 3  ? -4.535  10.710  6.528   1.00 0.00 ? 3  ASN A H    1 
ATOM 45  H HA   . ASN A 1 3  ? -3.235  8.811   6.121   1.00 0.00 ? 3  ASN A HA   1 
ATOM 46  H HB2  . ASN A 1 3  ? -5.771  7.095   6.259   1.00 0.00 ? 3  ASN A HB2  1 
ATOM 47  H HB3  . ASN A 1 3  ? -4.130  6.504   6.267   1.00 0.00 ? 3  ASN A HB3  1 
ATOM 48  H HD21 . ASN A 1 3  ? -2.793  6.958   8.169   1.00 0.00 ? 3  ASN A HD21 1 
ATOM 49  H HD22 . ASN A 1 3  ? -3.620  7.298   9.772   1.00 0.00 ? 3  ASN A HD22 1 
ATOM 50  N N    . GLN A 1 4  ? -3.432  9.253   3.543   1.00 0.00 ? 4  GLN A N    1 
ATOM 51  C CA   . GLN A 1 4  ? -3.213  9.157   2.080   1.00 0.00 ? 4  GLN A CA   1 
ATOM 52  C C    . GLN A 1 4  ? -1.981  8.258   1.778   1.00 0.00 ? 4  GLN A C    1 
ATOM 53  O O    . GLN A 1 4  ? -2.137  7.182   1.196   1.00 0.00 ? 4  GLN A O    1 
ATOM 54  C CB   . GLN A 1 4  ? -3.205  10.566  1.441   1.00 0.00 ? 4  GLN A CB   1 
ATOM 55  C CG   . GLN A 1 4  ? -3.043  10.639  -0.100  1.00 0.00 ? 4  GLN A CG   1 
ATOM 56  C CD   . GLN A 1 4  ? -4.089  9.869   -0.928  1.00 0.00 ? 4  GLN A CD   1 
ATOM 57  O OE1  . GLN A 1 4  ? -3.794  8.831   -1.522  1.00 0.00 ? 4  GLN A OE1  1 
ATOM 58  N NE2  . GLN A 1 4  ? -5.321  10.352  -0.984  1.00 0.00 ? 4  GLN A NE2  1 
ATOM 59  H H    . GLN A 1 4  ? -3.056  10.041  4.064   1.00 0.00 ? 4  GLN A H    1 
ATOM 60  H HA   . GLN A 1 4  ? -4.092  8.701   1.647   1.00 0.00 ? 4  GLN A HA   1 
ATOM 61  H HB2  . GLN A 1 4  ? -4.138  11.102  1.716   1.00 0.00 ? 4  GLN A HB2  1 
ATOM 62  H HB3  . GLN A 1 4  ? -2.387  11.128  1.904   1.00 0.00 ? 4  GLN A HB3  1 
ATOM 63  H HG2  . GLN A 1 4  ? -3.040  11.701  -0.410  1.00 0.00 ? 4  GLN A HG2  1 
ATOM 64  H HG3  . GLN A 1 4  ? -2.036  10.272  -0.373  1.00 0.00 ? 4  GLN A HG3  1 
ATOM 65  H HE21 . GLN A 1 4  ? -5.509  11.179  -0.409  1.00 0.00 ? 4  GLN A HE21 1 
ATOM 66  H HE22 . GLN A 1 4  ? -6.002  9.814   -1.530  1.00 0.00 ? 4  GLN A HE22 1 
ATOM 67  N N    . ASN A 1 5  ? -0.780  8.708   2.188   1.00 0.00 ? 5  ASN A N    1 
ATOM 68  C CA   . ASN A 1 5  ? 0.492   7.947   2.021   1.00 0.00 ? 5  ASN A CA   1 
ATOM 69  C C    . ASN A 1 5  ? 0.603   6.654   2.884   1.00 0.00 ? 5  ASN A C    1 
ATOM 70  O O    . ASN A 1 5  ? 1.165   5.650   2.437   1.00 0.00 ? 5  ASN A O    1 
ATOM 71  C CB   . ASN A 1 5  ? 1.674   8.911   2.303   1.00 0.00 ? 5  ASN A CB   1 
ATOM 72  C CG   . ASN A 1 5  ? 2.972   8.583   1.539   1.00 0.00 ? 5  ASN A CG   1 
ATOM 73  O OD1  . ASN A 1 5  ? 3.245   9.132   0.472   1.00 0.00 ? 5  ASN A OD1  1 
ATOM 74  N ND2  . ASN A 1 5  ? 3.787   7.689   2.069   1.00 0.00 ? 5  ASN A ND2  1 
ATOM 75  H H    . ASN A 1 5  ? -0.823  9.600   2.692   1.00 0.00 ? 5  ASN A H    1 
ATOM 76  H HA   . ASN A 1 5  ? 0.520   7.614   0.968   1.00 0.00 ? 5  ASN A HA   1 
ATOM 77  H HB2  . ASN A 1 5  ? 1.387   9.944   2.035   1.00 0.00 ? 5  ASN A HB2  1 
ATOM 78  H HB3  . ASN A 1 5  ? 1.861   8.971   3.396   1.00 0.00 ? 5  ASN A HB3  1 
ATOM 79  H HD21 . ASN A 1 5  ? 3.439   7.226   2.915   1.00 0.00 ? 5  ASN A HD21 1 
ATOM 80  H HD22 . ASN A 1 5  ? 4.638   7.463   1.542   1.00 0.00 ? 5  ASN A HD22 1 
ATOM 81  N N    . ILE A 1 6  ? 0.080   6.698   4.119   1.00 0.00 ? 6  ILE A N    1 
ATOM 82  C CA   . ILE A 1 6  ? 0.053   5.538   5.055   1.00 0.00 ? 6  ILE A CA   1 
ATOM 83  C C    . ILE A 1 6  ? -0.799  4.358   4.467   1.00 0.00 ? 6  ILE A C    1 
ATOM 84  O O    . ILE A 1 6  ? -0.349  3.209   4.477   1.00 0.00 ? 6  ILE A O    1 
ATOM 85  C CB   . ILE A 1 6  ? -0.368  6.012   6.476   1.00 0.00 ? 6  ILE A CB   1 
ATOM 86  C CG1  . ILE A 1 6  ? 0.561   7.118   7.061   1.00 0.00 ? 6  ILE A CG1  1 
ATOM 87  C CG2  . ILE A 1 6  ? -0.547  4.870   7.511   1.00 0.00 ? 6  ILE A CG2  1 
ATOM 88  C CD1  . ILE A 1 6  ? 2.033   6.762   7.344   1.00 0.00 ? 6  ILE A CD1  1 
ATOM 89  H H    . ILE A 1 6  ? -0.082  7.659   4.437   1.00 0.00 ? 6  ILE A H    1 
ATOM 90  H HA   . ILE A 1 6  ? 1.075   5.218   5.237   1.00 0.00 ? 6  ILE A HA   1 
ATOM 91  H HB   . ILE A 1 6  ? -1.360  6.466   6.351   1.00 0.00 ? 6  ILE A HB   1 
ATOM 92  H HG12 . ILE A 1 6  ? 0.543   8.012   6.404   1.00 0.00 ? 6  ILE A HG12 1 
ATOM 93  H HG13 . ILE A 1 6  ? 0.102   7.446   7.995   1.00 0.00 ? 6  ILE A HG13 1 
ATOM 94  H HG21 . ILE A 1 6  ? 0.377   4.277   7.641   1.00 0.00 ? 6  ILE A HG21 1 
ATOM 95  H HG22 . ILE A 1 6  ? -1.344  4.168   7.209   1.00 0.00 ? 6  ILE A HG22 1 
ATOM 96  H HG23 . ILE A 1 6  ? -0.837  5.256   8.507   1.00 0.00 ? 6  ILE A HG23 1 
ATOM 97  H HD11 . ILE A 1 6  ? 2.128   5.911   8.043   1.00 0.00 ? 6  ILE A HD11 1 
ATOM 98  H HD12 . ILE A 1 6  ? 2.580   6.499   6.420   1.00 0.00 ? 6  ILE A HD12 1 
ATOM 99  H HD13 . ILE A 1 6  ? 2.564   7.616   7.801   1.00 0.00 ? 6  ILE A HD13 1 
ATOM 100 N N    . ASN A 1 7  ? -1.999  4.680   3.939   1.00 0.00 ? 7  ASN A N    1 
ATOM 101 C CA   . ASN A 1 7  ? -2.915  3.711   3.303   1.00 0.00 ? 7  ASN A CA   1 
ATOM 102 C C    . ASN A 1 7  ? -2.443  3.106   1.952   1.00 0.00 ? 7  ASN A C    1 
ATOM 103 O O    . ASN A 1 7  ? -2.687  1.914   1.751   1.00 0.00 ? 7  ASN A O    1 
ATOM 104 C CB   . ASN A 1 7  ? -4.343  4.321   3.248   1.00 0.00 ? 7  ASN A CB   1 
ATOM 105 C CG   . ASN A 1 7  ? -5.491  3.335   2.949   1.00 0.00 ? 7  ASN A CG   1 
ATOM 106 O OD1  . ASN A 1 7  ? -5.964  3.231   1.818   1.00 0.00 ? 7  ASN A OD1  1 
ATOM 107 N ND2  . ASN A 1 7  ? -5.969  2.602   3.945   1.00 0.00 ? 7  ASN A ND2  1 
ATOM 108 H H    . ASN A 1 7  ? -2.145  5.690   3.878   1.00 0.00 ? 7  ASN A H    1 
ATOM 109 H HA   . ASN A 1 7  ? -2.930  2.870   3.997   1.00 0.00 ? 7  ASN A HA   1 
ATOM 110 H HB2  . ASN A 1 7  ? -4.577  4.834   4.203   1.00 0.00 ? 7  ASN A HB2  1 
ATOM 111 H HB3  . ASN A 1 7  ? -4.367  5.128   2.491   1.00 0.00 ? 7  ASN A HB3  1 
ATOM 112 H HD21 . ASN A 1 7  ? -5.572  2.769   4.876   1.00 0.00 ? 7  ASN A HD21 1 
ATOM 113 H HD22 . ASN A 1 7  ? -6.741  1.965   3.714   1.00 0.00 ? 7  ASN A HD22 1 
ATOM 114 N N    . ILE A 1 8  ? -1.768  3.860   1.055   1.00 0.00 ? 8  ILE A N    1 
ATOM 115 C CA   . ILE A 1 8  ? -1.261  3.295   -0.234  1.00 0.00 ? 8  ILE A CA   1 
ATOM 116 C C    . ILE A 1 8  ? -0.191  2.167   -0.045  1.00 0.00 ? 8  ILE A C    1 
ATOM 117 O O    . ILE A 1 8  ? -0.173  1.216   -0.830  1.00 0.00 ? 8  ILE A O    1 
ATOM 118 C CB   . ILE A 1 8  ? -0.863  4.424   -1.243  1.00 0.00 ? 8  ILE A CB   1 
ATOM 119 C CG1  . ILE A 1 8  ? 0.252   5.414   -0.800  1.00 0.00 ? 8  ILE A CG1  1 
ATOM 120 C CG2  . ILE A 1 8  ? -2.103  5.210   -1.741  1.00 0.00 ? 8  ILE A CG2  1 
ATOM 121 C CD1  . ILE A 1 8  ? 1.702   4.966   -1.036  1.00 0.00 ? 8  ILE A CD1  1 
ATOM 122 H H    . ILE A 1 8  ? -1.860  4.875   1.165   1.00 0.00 ? 8  ILE A H    1 
ATOM 123 H HA   . ILE A 1 8  ? -2.130  2.804   -0.712  1.00 0.00 ? 8  ILE A HA   1 
ATOM 124 H HB   . ILE A 1 8  ? -0.497  3.905   -2.129  1.00 0.00 ? 8  ILE A HB   1 
ATOM 125 H HG12 . ILE A 1 8  ? 0.133   6.389   -1.313  1.00 0.00 ? 8  ILE A HG12 1 
ATOM 126 H HG13 . ILE A 1 8  ? 0.114   5.626   0.271   1.00 0.00 ? 8  ILE A HG13 1 
ATOM 127 H HG21 . ILE A 1 8  ? -2.876  4.535   -2.154  1.00 0.00 ? 8  ILE A HG21 1 
ATOM 128 H HG22 . ILE A 1 8  ? -1.844  5.919   -2.550  1.00 0.00 ? 8  ILE A HG22 1 
ATOM 129 H HG23 . ILE A 1 8  ? -2.582  5.797   -0.936  1.00 0.00 ? 8  ILE A HG23 1 
ATOM 130 H HD11 . ILE A 1 8  ? 1.967   4.061   -0.466  1.00 0.00 ? 8  ILE A HD11 1 
ATOM 131 H HD12 . ILE A 1 8  ? 2.412   5.753   -0.723  1.00 0.00 ? 8  ILE A HD12 1 
ATOM 132 H HD13 . ILE A 1 8  ? 1.892   4.750   -2.103  1.00 0.00 ? 8  ILE A HD13 1 
ATOM 133 N N    . SER A 1 9  ? 0.679   2.280   0.986   1.00 0.00 ? 9  SER A N    1 
ATOM 134 C CA   . SER A 1 9  ? 1.705   1.251   1.321   1.00 0.00 ? 9  SER A CA   1 
ATOM 135 C C    . SER A 1 9  ? 1.030   -0.037  1.876   1.00 0.00 ? 9  SER A C    1 
ATOM 136 O O    . SER A 1 9  ? 1.395   -1.139  1.458   1.00 0.00 ? 9  SER A O    1 
ATOM 137 C CB   . SER A 1 9  ? 2.720   1.836   2.325   1.00 0.00 ? 9  SER A CB   1 
ATOM 138 O OG   . SER A 1 9  ? 3.901   1.047   2.359   1.00 0.00 ? 9  SER A OG   1 
ATOM 139 H H    . SER A 1 9  ? 0.561   3.138   1.535   1.00 0.00 ? 9  SER A H    1 
ATOM 140 H HA   . SER A 1 9  ? 2.215   0.972   0.381   1.00 0.00 ? 9  SER A HA   1 
ATOM 141 H HB2  . SER A 1 9  ? 2.980   2.872   2.049   1.00 0.00 ? 9  SER A HB2  1 
ATOM 142 H HB3  . SER A 1 9  ? 2.290   1.898   3.346   1.00 0.00 ? 9  SER A HB3  1 
ATOM 143 H HG   . SER A 1 9  ? 4.485   1.470   2.994   1.00 0.00 ? 9  SER A HG   1 
ATOM 144 N N    . GLN A 1 10 ? 0.054   0.124   2.800   1.00 0.00 ? 10 GLN A N    1 
ATOM 145 C CA   . GLN A 1 10 ? -0.730  -1.011  3.377   1.00 0.00 ? 10 GLN A CA   1 
ATOM 146 C C    . GLN A 1 10 ? -1.486  -1.825  2.266   1.00 0.00 ? 10 GLN A C    1 
ATOM 147 O O    . GLN A 1 10 ? -1.568  -3.053  2.351   1.00 0.00 ? 10 GLN A O    1 
ATOM 148 C CB   . GLN A 1 10 ? -1.749  -0.494  4.431   1.00 0.00 ? 10 GLN A CB   1 
ATOM 149 C CG   . GLN A 1 10 ? -1.127  0.076   5.726   1.00 0.00 ? 10 GLN A CG   1 
ATOM 150 C CD   . GLN A 1 10 ? -2.178  0.487   6.771   1.00 0.00 ? 10 GLN A CD   1 
ATOM 151 O OE1  . GLN A 1 10 ? -2.520  -0.283  7.668   1.00 0.00 ? 10 GLN A OE1  1 
ATOM 152 N NE2  . GLN A 1 10 ? -2.712  1.696   6.683   1.00 0.00 ? 10 GLN A NE2  1 
ATOM 153 H H    . GLN A 1 10 ? 0.041   1.085   3.169   1.00 0.00 ? 10 GLN A H    1 
ATOM 154 H HA   . GLN A 1 10 ? -0.034  -1.678  3.918   1.00 0.00 ? 10 GLN A HA   1 
ATOM 155 H HB2  . GLN A 1 10 ? -2.418  0.262   3.974   1.00 0.00 ? 10 GLN A HB2  1 
ATOM 156 H HB3  . GLN A 1 10 ? -2.418  -1.329  4.719   1.00 0.00 ? 10 GLN A HB3  1 
ATOM 157 H HG2  . GLN A 1 10 ? -0.463  -0.689  6.172   1.00 0.00 ? 10 GLN A HG2  1 
ATOM 158 H HG3  . GLN A 1 10 ? -0.469  0.934   5.492   1.00 0.00 ? 10 GLN A HG3  1 
ATOM 159 H HE21 . GLN A 1 10 ? -2.385  2.289   5.912   1.00 0.00 ? 10 GLN A HE21 1 
ATOM 160 H HE22 . GLN A 1 10 ? -3.411  1.942   7.393   1.00 0.00 ? 10 GLN A HE22 1 
ATOM 161 N N    . GLU A 1 11 ? -2.018  -1.118  1.240   1.00 0.00 ? 11 GLU A N    1 
ATOM 162 C CA   . GLU A 1 11 ? -2.717  -1.720  0.073   1.00 0.00 ? 11 GLU A CA   1 
ATOM 163 C C    . GLU A 1 11 ? -1.765  -2.501  -0.875  1.00 0.00 ? 11 GLU A C    1 
ATOM 164 O O    . GLU A 1 11 ? -2.135  -3.589  -1.322  1.00 0.00 ? 11 GLU A O    1 
ATOM 165 C CB   . GLU A 1 11 ? -3.496  -0.632  -0.711  1.00 0.00 ? 11 GLU A CB   1 
ATOM 166 C CG   . GLU A 1 11 ? -4.767  -0.149  0.010   1.00 0.00 ? 11 GLU A CG   1 
ATOM 167 C CD   . GLU A 1 11 ? -5.447  1.035   -0.682  1.00 0.00 ? 11 GLU A CD   1 
ATOM 168 O OE1  . GLU A 1 11 ? -6.538  0.954   -1.245  1.00 0.00 ? 11 GLU A OE1  1 
ATOM 169 O OE2  . GLU A 1 11 ? -4.706  2.186   -0.598  1.00 0.00 ? 11 GLU A OE2  1 
ATOM 170 H H    . GLU A 1 11 ? -1.769  -0.118  1.279   1.00 0.00 ? 11 GLU A H    1 
ATOM 171 H HA   . GLU A 1 11 ? -3.431  -2.461  0.467   1.00 0.00 ? 11 GLU A HA   1 
ATOM 172 H HB2  . GLU A 1 11 ? -2.828  0.223   -0.936  1.00 0.00 ? 11 GLU A HB2  1 
ATOM 173 H HB3  . GLU A 1 11 ? -3.803  -1.024  -1.700  1.00 0.00 ? 11 GLU A HB3  1 
ATOM 174 H HG2  . GLU A 1 11 ? -5.470  -1.001  0.060   1.00 0.00 ? 11 GLU A HG2  1 
ATOM 175 H HG3  . GLU A 1 11 ? -4.539  0.114   1.059   1.00 0.00 ? 11 GLU A HG3  1 
ATOM 176 H HE2  . GLU A 1 11 ? -5.139  2.925   -1.032  1.00 0.00 ? 11 GLU A HE2  1 
ATOM 177 N N    . ARG A 1 12 ? -0.561  -1.960  -1.177  1.00 0.00 ? 12 ARG A N    1 
ATOM 178 C CA   . ARG A 1 12 ? 0.453   -2.645  -2.032  1.00 0.00 ? 12 ARG A CA   1 
ATOM 179 C C    . ARG A 1 12 ? 0.898   -3.995  -1.407  1.00 0.00 ? 12 ARG A C    1 
ATOM 180 O O    . ARG A 1 12 ? 0.956   -5.000  -2.115  1.00 0.00 ? 12 ARG A O    1 
ATOM 181 C CB   . ARG A 1 12 ? 1.626   -1.661  -2.300  1.00 0.00 ? 12 ARG A CB   1 
ATOM 182 C CG   . ARG A 1 12 ? 2.800   -2.174  -3.173  1.00 0.00 ? 12 ARG A CG   1 
ATOM 183 C CD   . ARG A 1 12 ? 2.470   -2.613  -4.616  1.00 0.00 ? 12 ARG A CD   1 
ATOM 184 N NE   . ARG A 1 12 ? 2.032   -1.507  -5.507  1.00 0.00 ? 12 ARG A NE   1 
ATOM 185 C CZ   . ARG A 1 12 ? 2.854   -0.733  -6.246  1.00 0.00 ? 12 ARG A CZ   1 
ATOM 186 N NH1  . ARG A 1 12 ? 4.180   -0.860  -6.267  1.00 0.00 ? 12 ARG A NH1  1 
ATOM 187 N NH2  . ARG A 1 12 ? 2.311   0.210   -6.994  1.00 0.00 ? 12 ARG A NH2  1 
ATOM 188 H H    . ARG A 1 12 ? -0.503  -0.968  -0.937  1.00 0.00 ? 12 ARG A H    1 
ATOM 189 H HA   . ARG A 1 12 ? -0.035  -2.852  -2.999  1.00 0.00 ? 12 ARG A HA   1 
ATOM 190 H HB2  . ARG A 1 12 ? 1.224   -0.741  -2.770  1.00 0.00 ? 12 ARG A HB2  1 
ATOM 191 H HB3  . ARG A 1 12 ? 2.052   -1.336  -1.328  1.00 0.00 ? 12 ARG A HB3  1 
ATOM 192 H HG2  . ARG A 1 12 ? 3.586   -1.395  -3.203  1.00 0.00 ? 12 ARG A HG2  1 
ATOM 193 H HG3  . ARG A 1 12 ? 3.280   -3.024  -2.655  1.00 0.00 ? 12 ARG A HG3  1 
ATOM 194 H HD2  . ARG A 1 12 ? 3.349   -3.130  -5.044  1.00 0.00 ? 12 ARG A HD2  1 
ATOM 195 H HD3  . ARG A 1 12 ? 1.680   -3.387  -4.601  1.00 0.00 ? 12 ARG A HD3  1 
ATOM 196 H HH11 . ARG A 1 12 ? 4.580   -1.598  -5.677  1.00 0.00 ? 12 ARG A HH11 1 
ATOM 197 H HH12 . ARG A 1 12 ? 4.694   -0.208  -6.870  1.00 0.00 ? 12 ARG A HH12 1 
ATOM 198 H HH21 . ARG A 1 12 ? 1.289   0.290   -6.962  1.00 0.00 ? 12 ARG A HH21 1 
ATOM 199 H HH22 . ARG A 1 12 ? 2.956   0.786   -7.547  1.00 0.00 ? 12 ARG A HH22 1 
ATOM 200 N N    . ASP A 1 13 ? 1.192   -3.993  -0.092  1.00 0.00 ? 13 ASP A N    1 
ATOM 201 C CA   . ASP A 1 13 ? 1.570   -5.203  0.678   1.00 0.00 ? 13 ASP A CA   1 
ATOM 202 C C    . ASP A 1 13 ? 0.448   -6.289  0.659   1.00 0.00 ? 13 ASP A C    1 
ATOM 203 O O    . ASP A 1 13 ? 0.751   -7.474  0.492   1.00 0.00 ? 13 ASP A O    1 
ATOM 204 C CB   . ASP A 1 13 ? 1.928   -4.773  2.124   1.00 0.00 ? 13 ASP A CB   1 
ATOM 205 C CG   . ASP A 1 13 ? 2.803   -5.782  2.879   1.00 0.00 ? 13 ASP A CG   1 
ATOM 206 O OD1  . ASP A 1 13 ? 2.345   -6.706  3.550   1.00 0.00 ? 13 ASP A OD1  1 
ATOM 207 O OD2  . ASP A 1 13 ? 4.142   -5.534  2.715   1.00 0.00 ? 13 ASP A OD2  1 
ATOM 208 H H    . ASP A 1 13 ? 1.055   -3.076  0.344   1.00 0.00 ? 13 ASP A H    1 
ATOM 209 H HA   . ASP A 1 13 ? 2.445   -5.621  0.160   1.00 0.00 ? 13 ASP A HA   1 
ATOM 210 H HB2  . ASP A 1 13 ? 2.439   -3.793  2.113   1.00 0.00 ? 13 ASP A HB2  1 
ATOM 211 H HB3  . ASP A 1 13 ? 1.001   -4.593  2.710   1.00 0.00 ? 13 ASP A HB3  1 
ATOM 212 H HD2  . ASP A 1 13 ? 4.300   -4.770  2.156   1.00 0.00 ? 13 ASP A HD2  1 
ATOM 213 N N    . LEU A 1 14 ? -0.827  -5.857  0.807   1.00 0.00 ? 14 LEU A N    1 
ATOM 214 C CA   . LEU A 1 14 ? -2.013  -6.751  0.757   1.00 0.00 ? 14 LEU A CA   1 
ATOM 215 C C    . LEU A 1 14 ? -2.133  -7.505  -0.609  1.00 0.00 ? 14 LEU A C    1 
ATOM 216 O O    . LEU A 1 14 ? -2.484  -8.688  -0.604  1.00 0.00 ? 14 LEU A O    1 
ATOM 217 C CB   . LEU A 1 14 ? -3.296  -5.923  1.077   1.00 0.00 ? 14 LEU A CB   1 
ATOM 218 C CG   . LEU A 1 14 ? -4.614  -6.722  1.305   1.00 0.00 ? 14 LEU A CG   1 
ATOM 219 C CD1  . LEU A 1 14 ? -4.577  -7.616  2.562   1.00 0.00 ? 14 LEU A CD1  1 
ATOM 220 C CD2  . LEU A 1 14 ? -5.822  -5.768  1.376   1.00 0.00 ? 14 LEU A CD2  1 
ATOM 221 H H    . LEU A 1 14 ? -0.867  -4.883  1.128   1.00 0.00 ? 14 LEU A H    1 
ATOM 222 H HA   . LEU A 1 14 ? -1.899  -7.470  1.583   1.00 0.00 ? 14 LEU A HA   1 
ATOM 223 H HB2  . LEU A 1 14 ? -3.117  -5.297  1.976   1.00 0.00 ? 14 LEU A HB2  1 
ATOM 224 H HB3  . LEU A 1 14 ? -3.472  -5.207  0.248   1.00 0.00 ? 14 LEU A HB3  1 
ATOM 225 H HG   . LEU A 1 14 ? -4.779  -7.380  0.430   1.00 0.00 ? 14 LEU A HG   1 
ATOM 226 H HD11 . LEU A 1 14 ? -5.528  -8.163  2.702   1.00 0.00 ? 14 LEU A HD11 1 
ATOM 227 H HD12 . LEU A 1 14 ? -3.783  -8.383  2.498   1.00 0.00 ? 14 LEU A HD12 1 
ATOM 228 H HD13 . LEU A 1 14 ? -4.395  -7.030  3.483   1.00 0.00 ? 14 LEU A HD13 1 
ATOM 229 H HD21 . LEU A 1 14 ? -5.749  -5.066  2.228   1.00 0.00 ? 14 LEU A HD21 1 
ATOM 230 H HD22 . LEU A 1 14 ? -6.774  -6.320  1.486   1.00 0.00 ? 14 LEU A HD22 1 
ATOM 231 H HD23 . LEU A 1 14 ? -5.914  -5.159  0.457   1.00 0.00 ? 14 LEU A HD23 1 
ATOM 232 N N    . GLN A 1 15 ? -1.846  -6.818  -1.743  1.00 0.00 ? 15 GLN A N    1 
ATOM 233 C CA   . GLN A 1 15 ? -1.879  -7.450  -3.097  1.00 0.00 ? 15 GLN A CA   1 
ATOM 234 C C    . GLN A 1 15 ? -0.522  -7.320  -3.860  1.00 0.00 ? 15 GLN A C    1 
ATOM 235 O O    . GLN A 1 15 ? -0.484  -6.951  -5.039  1.00 0.00 ? 15 GLN A O    1 
ATOM 236 C CB   . GLN A 1 15 ? -3.102  -6.916  -3.896  1.00 0.00 ? 15 GLN A CB   1 
ATOM 237 C CG   . GLN A 1 15 ? -4.457  -7.352  -3.300  1.00 0.00 ? 15 GLN A CG   1 
ATOM 238 C CD   . GLN A 1 15 ? -5.665  -6.969  -4.168  1.00 0.00 ? 15 GLN A CD   1 
ATOM 239 O OE1  . GLN A 1 15 ? -6.030  -7.679  -5.105  1.00 0.00 ? 15 GLN A OE1  1 
ATOM 240 N NE2  . GLN A 1 15 ? -6.312  -5.849  -3.878  1.00 0.00 ? 15 GLN A NE2  1 
ATOM 241 H H    . GLN A 1 15 ? -1.466  -5.871  -1.558  1.00 0.00 ? 15 GLN A H    1 
ATOM 242 H HA   . GLN A 1 15 ? -2.024  -8.544  -3.001  1.00 0.00 ? 15 GLN A HA   1 
ATOM 243 H HB2  . GLN A 1 15 ? -3.057  -5.814  -3.985  1.00 0.00 ? 15 GLN A HB2  1 
ATOM 244 H HB3  . GLN A 1 15 ? -3.048  -7.296  -4.935  1.00 0.00 ? 15 GLN A HB3  1 
ATOM 245 H HG2  . GLN A 1 15 ? -4.433  -8.452  -3.169  1.00 0.00 ? 15 GLN A HG2  1 
ATOM 246 H HG3  . GLN A 1 15 ? -4.557  -6.934  -2.277  1.00 0.00 ? 15 GLN A HG3  1 
ATOM 247 H HE21 . GLN A 1 15 ? -5.957  -5.307  -3.082  1.00 0.00 ? 15 GLN A HE21 1 
ATOM 248 H HE22 . GLN A 1 15 ? -7.117  -5.616  -4.470  1.00 0.00 ? 15 GLN A HE22 1 
ATOM 249 N N    . LYS A 1 16 ? 0.589   -7.702  -3.193  1.00 0.00 ? 16 LYS A N    1 
ATOM 250 C CA   . LYS A 1 16 ? 1.946   -7.674  -3.813  1.00 0.00 ? 16 LYS A CA   1 
ATOM 251 C C    . LYS A 1 16 ? 2.182   -8.886  -4.757  1.00 0.00 ? 16 LYS A C    1 
ATOM 252 O O    . LYS A 1 16 ? 1.804   -10.030 -4.485  1.00 0.00 ? 16 LYS A O    1 
ATOM 253 C CB   . LYS A 1 16 ? 3.034   -7.502  -2.725  1.00 0.00 ? 16 LYS A CB   1 
ATOM 254 C CG   . LYS A 1 16 ? 4.515   -7.812  -3.062  1.00 0.00 ? 16 LYS A CG   1 
ATOM 255 C CD   . LYS A 1 16 ? 5.547   -7.407  -1.983  1.00 0.00 ? 16 LYS A CD   1 
ATOM 256 C CE   . LYS A 1 16 ? 5.582   -8.255  -0.692  1.00 0.00 ? 16 LYS A CE   1 
ATOM 257 N NZ   . LYS A 1 16 ? 4.516   -7.918  0.270   1.00 0.00 ? 16 LYS A NZ   1 
ATOM 258 H H    . LYS A 1 16 ? 0.457   -7.503  -2.190  1.00 0.00 ? 16 LYS A H    1 
ATOM 259 H HA   . LYS A 1 16 ? 2.033   -6.729  -4.370  1.00 0.00 ? 16 LYS A HA   1 
ATOM 260 H HB2  . LYS A 1 16 ? 3.014   -6.435  -2.449  1.00 0.00 ? 16 LYS A HB2  1 
ATOM 261 H HB3  . LYS A 1 16 ? 2.734   -8.074  -1.838  1.00 0.00 ? 16 LYS A HB3  1 
ATOM 262 H HG2  . LYS A 1 16 ? 4.634   -8.886  -3.295  1.00 0.00 ? 16 LYS A HG2  1 
ATOM 263 H HG3  . LYS A 1 16 ? 4.781   -7.283  -3.995  1.00 0.00 ? 16 LYS A HG3  1 
ATOM 264 H HD2  . LYS A 1 16 ? 6.546   -7.489  -2.449  1.00 0.00 ? 16 LYS A HD2  1 
ATOM 265 H HD3  . LYS A 1 16 ? 5.447   -6.332  -1.741  1.00 0.00 ? 16 LYS A HD3  1 
ATOM 266 H HE2  . LYS A 1 16 ? 5.538   -9.333  -0.933  1.00 0.00 ? 16 LYS A HE2  1 
ATOM 267 H HE3  . LYS A 1 16 ? 6.555   -8.104  -0.189  1.00 0.00 ? 16 LYS A HE3  1 
ATOM 268 H HZ2  . LYS A 1 16 ? 4.622   -8.476  1.124   1.00 0.00 ? 16 LYS A HZ2  1 
ATOM 269 H HZ3  . LYS A 1 16 ? 4.605   -6.940  0.566   1.00 0.00 ? 16 LYS A HZ3  1 
ATOM 270 N N    . HIS A 1 17 ? 2.864   -8.564  -5.861  1.00 0.00 ? 17 HIS A N    1 
ATOM 271 C CA   . HIS A 1 17 ? 3.268   -9.526  -6.908  1.00 0.00 ? 17 HIS A CA   1 
ATOM 272 C C    . HIS A 1 17 ? 4.736   -9.982  -6.658  1.00 0.00 ? 17 HIS A C    1 
ATOM 273 O O    . HIS A 1 17 ? 4.953   -11.132 -6.261  1.00 0.00 ? 17 HIS A O    1 
ATOM 274 C CB   . HIS A 1 17 ? 3.010   -8.858  -8.287  1.00 0.00 ? 17 HIS A CB   1 
ATOM 275 C CG   . HIS A 1 17 ? 1.549   -8.834  -8.743  1.00 0.00 ? 17 HIS A CG   1 
ATOM 276 N ND1  . HIS A 1 17 ? 0.739   -9.958  -8.888  1.00 0.00 ? 17 HIS A ND1  1 
ATOM 277 C CD2  . HIS A 1 17 ? 0.877   -7.680  -9.176  1.00 0.00 ? 17 HIS A CD2  1 
ATOM 278 C CE1  . HIS A 1 17 ? -0.384  -9.349  -9.396  1.00 0.00 ? 17 HIS A CE1  1 
ATOM 279 N NE2  . HIS A 1 17 ? -0.401  -7.995  -9.599  1.00 0.00 ? 17 HIS A NE2  1 
ATOM 280 H H    . HIS A 1 17 ? 3.171   -7.588  -5.898  1.00 0.00 ? 17 HIS A H    1 
ATOM 281 H HA   . HIS A 1 17 ? 2.645   -10.434 -6.861  1.00 0.00 ? 17 HIS A HA   1 
ATOM 282 H HB2  . HIS A 1 17 ? 3.432   -7.829  -8.301  1.00 0.00 ? 17 HIS A HB2  1 
ATOM 283 H HB3  . HIS A 1 17 ? 3.588   -9.399  -9.045  1.00 0.00 ? 17 HIS A HB3  1 
ATOM 284 H HD2  . HIS A 1 17 ? 1.315   -6.694  -9.213  1.00 0.00 ? 17 HIS A HD2  1 
ATOM 285 H HE1  . HIS A 1 17 ? -1.253  -9.941  -9.643  1.00 0.00 ? 17 HIS A HE1  1 
ATOM 286 H HE2  . HIS A 1 17 ? -1.133  -7.394  -9.993  1.00 0.00 ? 17 HIS A HE2  1 
ATOM 287 N N    . GLY A 1 18 ? 5.719   -9.092  -6.872  1.00 0.00 ? 18 GLY A N    1 
ATOM 288 C CA   . GLY A 1 18 ? 7.144   -9.391  -6.628  1.00 0.00 ? 18 GLY A CA   1 
ATOM 289 C C    . GLY A 1 18 ? 7.990   -8.153  -6.957  1.00 0.00 ? 18 GLY A C    1 
ATOM 290 O O    . GLY A 1 18 ? 7.977   -7.179  -6.199  1.00 0.00 ? 18 GLY A O    1 
ATOM 291 H H    . GLY A 1 18 ? 5.384   -8.183  -7.205  1.00 0.00 ? 18 GLY A H    1 
ATOM 292 H HA2  . GLY A 1 18 ? 7.296   -9.662  -5.566  1.00 0.00 ? 18 GLY A HA2  1 
ATOM 293 H HA3  . GLY A 1 18 ? 7.456   -10.278 -7.215  1.00 0.00 ? 18 GLY A HA3  1 
ATOM 294 N N    . PHE A 1 19 ? 8.717   -8.201  -8.092  1.00 0.00 ? 19 PHE A N    1 
ATOM 295 C CA   . PHE A 1 19 ? 9.549   -7.072  -8.572  1.00 0.00 ? 19 PHE A CA   1 
ATOM 296 C C    . PHE A 1 19 ? 8.672   -6.135  -9.450  1.00 0.00 ? 19 PHE A C    1 
ATOM 297 O O    . PHE A 1 19 ? 8.295   -6.497  -10.571 1.00 0.00 ? 19 PHE A O    1 
ATOM 298 C CB   . PHE A 1 19 ? 10.825  -7.571  -9.317  1.00 0.00 ? 19 PHE A CB   1 
ATOM 299 C CG   . PHE A 1 19 ? 11.881  -6.472  -9.549  1.00 0.00 ? 19 PHE A CG   1 
ATOM 300 C CD1  . PHE A 1 19 ? 12.848  -6.203  -8.574  1.00 0.00 ? 19 PHE A CD1  1 
ATOM 301 C CD2  . PHE A 1 19 ? 11.865  -5.712  -10.726 1.00 0.00 ? 19 PHE A CD2  1 
ATOM 302 C CE1  . PHE A 1 19 ? 13.784  -5.189  -8.772  1.00 0.00 ? 19 PHE A CE1  1 
ATOM 303 C CE2  . PHE A 1 19 ? 12.798  -4.697  -10.920 1.00 0.00 ? 19 PHE A CE2  1 
ATOM 304 C CZ   . PHE A 1 19 ? 13.757  -4.437  -9.944  1.00 0.00 ? 19 PHE A CZ   1 
ATOM 305 H H    . PHE A 1 19 ? 8.743   -9.114  -8.541  1.00 0.00 ? 19 PHE A H    1 
ATOM 306 H HA   . PHE A 1 19 ? 9.911   -6.550  -7.674  1.00 0.00 ? 19 PHE A HA   1 
ATOM 307 H HB2  . PHE A 1 19 ? 11.293  -8.393  -8.736  1.00 0.00 ? 19 PHE A HB2  1 
ATOM 308 H HB3  . PHE A 1 19 ? 10.557  -8.028  -10.294 1.00 0.00 ? 19 PHE A HB3  1 
ATOM 309 H HD1  . PHE A 1 19 ? 12.876  -6.772  -7.655  1.00 0.00 ? 19 PHE A HD1  1 
ATOM 310 H HD2  . PHE A 1 19 ? 11.122  -5.897  -11.489 1.00 0.00 ? 19 PHE A HD2  1 
ATOM 311 H HE1  . PHE A 1 19 ? 14.527  -4.984  -8.016  1.00 0.00 ? 19 PHE A HE1  1 
ATOM 312 H HE2  . PHE A 1 19 ? 12.777  -4.110  -11.827 1.00 0.00 ? 19 PHE A HE2  1 
ATOM 313 H HZ   . PHE A 1 19 ? 14.481  -3.648  -10.096 1.00 0.00 ? 19 PHE A HZ   1 
ATOM 314 N N    . HIS A 1 20 ? 8.391   -4.922  -8.941  1.00 0.00 ? 20 HIS A N    1 
ATOM 315 C CA   . HIS A 1 20 ? 7.572   -3.916  -9.642  1.00 0.00 ? 20 HIS A CA   1 
ATOM 316 C C    . HIS A 1 20 ? 8.494   -2.942  -10.422 1.00 0.00 ? 20 HIS A C    1 
ATOM 317 O O    . HIS A 1 20 ? 9.214   -2.122  -9.848  1.00 0.00 ? 20 HIS A O    1 
ATOM 318 C CB   . HIS A 1 20 ? 6.637   -3.198  -8.644  1.00 0.00 ? 20 HIS A CB   1 
ATOM 319 C CG   . HIS A 1 20 ? 5.522   -4.046  -8.006  1.00 0.00 ? 20 HIS A CG   1 
ATOM 320 N ND1  . HIS A 1 20 ? 5.738   -4.995  -7.007  1.00 0.00 ? 20 HIS A ND1  1 
ATOM 321 C CD2  . HIS A 1 20 ? 4.150   -3.905  -8.255  1.00 0.00 ? 20 HIS A CD2  1 
ATOM 322 C CE1  . HIS A 1 20 ? 4.439   -5.359  -6.767  1.00 0.00 ? 20 HIS A CE1  1 
ATOM 323 N NE2  . HIS A 1 20 ? 3.421   -4.775  -7.469  1.00 0.00 ? 20 HIS A NE2  1 
ATOM 324 H H    . HIS A 1 20 ? 8.558   -4.782  -7.948  1.00 0.00 ? 20 HIS A H    1 
ATOM 325 H HA   . HIS A 1 20 ? 6.881   -4.422  -10.312 1.00 0.00 ? 20 HIS A HA   1 
ATOM 326 H HB2  . HIS A 1 20 ? 7.225   -2.798  -7.824  1.00 0.00 ? 20 HIS A HB2  1 
ATOM 327 H HB3  . HIS A 1 20 ? 6.237   -2.302  -9.149  1.00 0.00 ? 20 HIS A HB3  1 
ATOM 328 H HD2  . HIS A 1 20 ? 3.723   -3.164  -8.905  1.00 0.00 ? 20 HIS A HD2  1 
ATOM 329 H HE1  . HIS A 1 20 ? 4.218   -6.079  -5.995  1.00 0.00 ? 20 HIS A HE1  1 
ATOM 330 H HE2  . HIS A 1 20 ? 2.405   -4.876  -7.365  1.00 0.00 ? 20 HIS A HE2  1 
# 
